data_3NK1
#
_entry.id   3NK1
#
_cell.length_a   164.343
_cell.length_b   164.343
_cell.length_c   164.343
_cell.angle_alpha   90.00
_cell.angle_beta   90.00
_cell.angle_gamma   90.00
#
_symmetry.space_group_name_H-M   'P 4 3 2'
#
loop_
_entity.id
_entity.type
_entity.pdbx_description
1 polymer '6-hydroxy-L-nicotine oxidase'
2 non-polymer SEROTONIN
3 non-polymer 'FLAVIN-ADENINE DINUCLEOTIDE'
4 non-polymer '(1R)-2-{[(S)-(2-aminoethoxy)(hydroxy)phosphoryl]oxy}-1-[(pentadecanoyloxy)methyl]ethyl (12E)-hexadeca-9,12-dienoate'
5 water water
#
_entity_poly.entity_id   1
_entity_poly.type   'polypeptide(L)'
_entity_poly.pdbx_seq_one_letter_code
;MYDAIVVGGGFSGLKAARDLTNAGKKVLLLEGGERLGGRAYSRESRNVPGLRVEIGGAYLHRKHHPRLAAELDRYGIPTA
AASEFTSFRHRLGPTAVDQAFPIPGSEAVAVEAATYTLLRDAHRIDLEKGLENQDLEDLDIPLNEYVDKLDLPPVSRQFL
LAWAWNMLGQPADQASALWMLQLVAAHHYSILGVVLSLDEVFSNGSADLVDAMSQEIPEIRLQTVVTGIDQSGDVVNVTV
KDGHAFQAHSVIVATPMNTWRRIVFTPALPERRRSVIEEGHGGQGLKILIHVRGAEAGIECVGDGIFPTLYDYCEVSESE
RLLVAFTDSGSFDPTDIGAVKDAVLYYLPEVEVLGIDYHDWIADPLFEGPWVAPRVGQFSRVHKELGEPAGRIHFVGSDV
SLEFPGYIEGALETAECAVNAILHSHHHHHH
;
_entity_poly.pdbx_strand_id   X
#
# COMPACT_ATOMS: atom_id res chain seq x y z
N MET A 1 23.62 -23.74 -7.96
CA MET A 1 23.44 -22.26 -8.13
C MET A 1 22.42 -21.97 -9.23
N TYR A 2 21.79 -20.80 -9.14
CA TYR A 2 20.63 -20.43 -9.99
C TYR A 2 21.04 -19.28 -10.88
N ASP A 3 20.32 -19.01 -11.96
CA ASP A 3 20.49 -17.70 -12.63
C ASP A 3 20.04 -16.54 -11.75
N ALA A 4 18.98 -16.76 -10.95
CA ALA A 4 18.41 -15.68 -10.10
C ALA A 4 17.79 -16.30 -8.90
N ILE A 5 18.11 -15.72 -7.77
CA ILE A 5 17.33 -15.90 -6.54
C ILE A 5 16.42 -14.68 -6.32
N VAL A 6 15.15 -14.95 -6.05
CA VAL A 6 14.20 -13.92 -5.66
C VAL A 6 13.88 -14.08 -4.17
N VAL A 7 14.02 -12.98 -3.45
CA VAL A 7 13.76 -12.93 -2.04
C VAL A 7 12.46 -12.20 -1.75
N GLY A 8 11.45 -12.95 -1.33
CA GLY A 8 10.12 -12.43 -1.12
C GLY A 8 9.09 -12.92 -2.11
N GLY A 9 7.99 -13.44 -1.59
CA GLY A 9 6.94 -13.99 -2.41
C GLY A 9 5.63 -13.24 -2.34
N GLY A 10 5.72 -11.92 -2.29
CA GLY A 10 4.61 -11.07 -2.68
C GLY A 10 4.45 -11.00 -4.18
N PHE A 11 3.63 -10.08 -4.64
CA PHE A 11 3.28 -10.02 -6.05
C PHE A 11 4.48 -9.68 -6.92
N SER A 12 5.34 -8.83 -6.40
CA SER A 12 6.58 -8.45 -7.05
C SER A 12 7.52 -9.63 -7.28
N GLY A 13 7.83 -10.34 -6.20
CA GLY A 13 8.65 -11.53 -6.27
C GLY A 13 8.07 -12.61 -7.14
N LEU A 14 6.76 -12.80 -7.03
CA LEU A 14 6.10 -13.81 -7.82
C LEU A 14 6.16 -13.51 -9.31
N LYS A 15 5.91 -12.27 -9.68
CA LYS A 15 5.98 -11.92 -11.09
C LYS A 15 7.38 -12.11 -11.64
N ALA A 16 8.37 -11.61 -10.92
CA ALA A 16 9.75 -11.67 -11.37
C ALA A 16 10.19 -13.11 -11.54
N ALA A 17 9.92 -13.91 -10.53
CA ALA A 17 10.25 -15.32 -10.57
C ALA A 17 9.56 -16.04 -11.71
N ARG A 18 8.27 -15.76 -11.89
CA ARG A 18 7.52 -16.36 -12.99
C ARG A 18 8.09 -15.98 -14.35
N ASP A 19 8.42 -14.72 -14.52
CA ASP A 19 8.75 -14.21 -15.82
C ASP A 19 10.16 -14.61 -16.24
N LEU A 20 11.10 -14.53 -15.32
CA LEU A 20 12.41 -15.11 -15.51
C LEU A 20 12.35 -16.60 -15.81
N THR A 21 11.51 -17.33 -15.09
CA THR A 21 11.31 -18.73 -15.38
C THR A 21 10.82 -18.97 -16.81
N ASN A 22 9.78 -18.26 -17.19
CA ASN A 22 9.25 -18.40 -18.54
C ASN A 22 10.20 -17.93 -19.62
N ALA A 23 11.16 -17.11 -19.26
CA ALA A 23 12.19 -16.68 -20.18
C ALA A 23 13.32 -17.71 -20.32
N GLY A 24 13.23 -18.78 -19.55
CA GLY A 24 14.20 -19.86 -19.66
C GLY A 24 15.31 -19.77 -18.63
N LYS A 25 15.11 -18.97 -17.59
CA LYS A 25 16.09 -18.87 -16.54
C LYS A 25 15.82 -19.82 -15.39
N LYS A 26 16.85 -20.08 -14.61
CA LYS A 26 16.76 -21.01 -13.51
C LYS A 26 16.63 -20.27 -12.19
N VAL A 27 15.44 -20.33 -11.62
CA VAL A 27 15.04 -19.38 -10.60
C VAL A 27 14.71 -20.10 -9.30
N LEU A 28 15.20 -19.54 -8.20
CA LEU A 28 14.73 -19.93 -6.90
C LEU A 28 14.05 -18.78 -6.16
N LEU A 29 12.86 -19.05 -5.63
CA LEU A 29 12.15 -18.09 -4.81
C LEU A 29 12.19 -18.46 -3.34
N LEU A 30 12.77 -17.57 -2.54
CA LEU A 30 12.85 -17.75 -1.10
C LEU A 30 11.85 -16.86 -0.39
N GLU A 31 10.93 -17.48 0.35
CA GLU A 31 9.93 -16.75 1.12
C GLU A 31 10.00 -17.09 2.59
N GLY A 32 10.10 -16.06 3.42
CA GLY A 32 10.43 -16.23 4.82
C GLY A 32 9.26 -16.69 5.66
N GLY A 33 8.05 -16.48 5.16
CA GLY A 33 6.86 -16.83 5.91
C GLY A 33 6.25 -18.15 5.48
N GLU A 34 5.08 -18.44 6.01
CA GLU A 34 4.41 -19.69 5.75
C GLU A 34 3.42 -19.60 4.61
N ARG A 35 3.34 -18.44 4.01
CA ARG A 35 2.36 -18.20 2.96
C ARG A 35 2.98 -17.33 1.88
N LEU A 36 2.39 -17.38 0.70
CA LEU A 36 2.71 -16.45 -0.36
C LEU A 36 1.68 -15.34 -0.44
N GLY A 37 2.09 -14.18 -0.91
CA GLY A 37 1.18 -13.08 -1.14
C GLY A 37 1.58 -11.79 -0.46
N GLY A 38 2.25 -11.91 0.68
CA GLY A 38 2.80 -10.77 1.35
C GLY A 38 1.74 -9.86 1.95
N ARG A 39 1.73 -8.59 1.53
CA ARG A 39 0.79 -7.63 2.07
C ARG A 39 -0.58 -7.73 1.42
N ALA A 40 -0.68 -8.59 0.41
CA ALA A 40 -1.94 -9.16 0.01
C ALA A 40 -2.25 -10.46 0.72
N TYR A 41 -3.20 -10.39 1.65
CA TYR A 41 -3.39 -11.41 2.67
C TYR A 41 -4.88 -11.66 2.84
N SER A 42 -5.40 -12.68 2.17
CA SER A 42 -6.71 -13.23 2.52
C SER A 42 -6.66 -14.41 3.46
N ARG A 43 -7.59 -14.45 4.40
CA ARG A 43 -7.60 -15.47 5.43
C ARG A 43 -9.00 -15.45 6.00
N GLU A 44 -9.26 -16.37 6.94
CA GLU A 44 -10.57 -16.46 7.56
C GLU A 44 -10.71 -15.29 8.56
N SER A 45 -11.89 -14.66 8.63
CA SER A 45 -12.20 -13.65 9.71
C SER A 45 -11.87 -14.13 11.11
N ARG A 46 -11.24 -13.33 11.95
CA ARG A 46 -11.19 -13.63 13.38
C ARG A 46 -12.54 -13.56 14.10
N ASN A 47 -13.52 -12.90 13.50
CA ASN A 47 -14.73 -12.56 14.20
C ASN A 47 -15.82 -13.49 13.75
N VAL A 48 -15.74 -13.88 12.48
CA VAL A 48 -16.82 -14.55 11.81
C VAL A 48 -16.33 -15.84 11.19
N PRO A 49 -16.36 -16.91 11.97
CA PRO A 49 -15.89 -18.22 11.51
C PRO A 49 -16.45 -18.53 10.15
N GLY A 50 -15.59 -18.95 9.23
CA GLY A 50 -16.04 -19.38 7.88
C GLY A 50 -16.01 -18.27 6.84
N LEU A 51 -15.69 -17.06 7.28
CA LEU A 51 -15.77 -15.91 6.38
C LEU A 51 -14.33 -15.46 5.99
N ARG A 52 -14.14 -15.33 4.69
CA ARG A 52 -12.87 -14.91 4.10
C ARG A 52 -12.81 -13.39 3.92
N VAL A 53 -11.78 -12.79 4.49
CA VAL A 53 -11.60 -11.36 4.40
C VAL A 53 -10.22 -11.03 3.85
N GLU A 54 -10.12 -9.89 3.18
CA GLU A 54 -8.83 -9.29 2.90
C GLU A 54 -8.31 -8.44 4.05
N ILE A 55 -7.19 -8.85 4.60
CA ILE A 55 -6.61 -8.15 5.71
C ILE A 55 -5.54 -7.16 5.29
N GLY A 56 -5.08 -7.27 4.07
CA GLY A 56 -4.25 -6.24 3.49
C GLY A 56 -4.90 -5.60 2.30
N GLY A 57 -4.13 -5.43 1.24
CA GLY A 57 -4.58 -4.75 0.05
C GLY A 57 -5.64 -5.52 -0.69
N ALA A 58 -6.64 -4.81 -1.18
CA ALA A 58 -7.89 -5.40 -1.59
C ALA A 58 -8.40 -4.82 -2.91
N TYR A 59 -8.21 -3.52 -3.10
CA TYR A 59 -8.89 -2.80 -4.17
C TYR A 59 -8.02 -2.58 -5.40
N LEU A 60 -8.65 -2.59 -6.57
CA LEU A 60 -7.97 -2.23 -7.79
C LEU A 60 -8.85 -1.39 -8.72
N HIS A 61 -8.22 -0.81 -9.72
CA HIS A 61 -8.93 -0.09 -10.77
C HIS A 61 -8.27 -0.28 -12.11
N ARG A 62 -9.00 -0.86 -13.04
CA ARG A 62 -8.41 -1.40 -14.24
C ARG A 62 -7.71 -0.37 -15.10
N LYS A 63 -8.30 0.81 -15.24
CA LYS A 63 -7.63 1.83 -16.03
C LYS A 63 -6.42 2.40 -15.33
N HIS A 64 -6.36 2.44 -13.99
CA HIS A 64 -5.09 2.92 -13.40
C HIS A 64 -4.04 1.78 -13.27
N HIS A 65 -4.48 0.52 -13.29
CA HIS A 65 -3.66 -0.70 -13.03
C HIS A 65 -3.65 -1.71 -14.17
N PRO A 66 -3.10 -1.32 -15.34
CA PRO A 66 -3.11 -2.19 -16.48
C PRO A 66 -2.33 -3.49 -16.28
N ARG A 67 -1.25 -3.47 -15.54
CA ARG A 67 -0.51 -4.70 -15.38
C ARG A 67 -1.31 -5.68 -14.58
N LEU A 68 -1.90 -5.21 -13.49
CA LEU A 68 -2.80 -6.04 -12.71
C LEU A 68 -3.99 -6.53 -13.52
N ALA A 69 -4.58 -5.64 -14.30
CA ALA A 69 -5.65 -6.04 -15.18
C ALA A 69 -5.23 -7.17 -16.10
N ALA A 70 -4.00 -7.11 -16.58
CA ALA A 70 -3.49 -8.14 -17.47
C ALA A 70 -3.33 -9.48 -16.77
N GLU A 71 -2.81 -9.45 -15.55
CA GLU A 71 -2.79 -10.67 -14.69
C GLU A 71 -4.17 -11.27 -14.46
N LEU A 72 -5.15 -10.44 -14.09
CA LEU A 72 -6.47 -11.02 -13.94
C LEU A 72 -7.04 -11.65 -15.20
N ASP A 73 -6.80 -10.98 -16.32
CA ASP A 73 -7.31 -11.46 -17.61
C ASP A 73 -6.57 -12.78 -18.04
N ARG A 74 -5.27 -12.83 -17.83
CA ARG A 74 -4.40 -13.99 -18.12
C ARG A 74 -4.91 -15.28 -17.44
N TYR A 75 -5.20 -15.18 -16.16
CA TYR A 75 -5.68 -16.33 -15.41
C TYR A 75 -7.19 -16.44 -15.25
N GLY A 76 -7.94 -15.57 -15.91
CA GLY A 76 -9.39 -15.64 -15.84
C GLY A 76 -9.94 -15.44 -14.45
N ILE A 77 -9.31 -14.55 -13.69
CA ILE A 77 -9.68 -14.32 -12.32
C ILE A 77 -10.78 -13.27 -12.19
N PRO A 78 -11.85 -13.62 -11.49
CA PRO A 78 -13.05 -12.79 -11.49
C PRO A 78 -12.96 -11.67 -10.46
N THR A 79 -13.45 -10.51 -10.87
CA THR A 79 -13.55 -9.35 -9.99
C THR A 79 -14.98 -8.89 -9.86
N ALA A 80 -15.26 -8.21 -8.75
CA ALA A 80 -16.56 -7.62 -8.50
C ALA A 80 -16.43 -6.15 -8.10
N ALA A 81 -17.40 -5.34 -8.49
CA ALA A 81 -17.63 -4.04 -7.85
C ALA A 81 -17.35 -4.05 -6.37
N ALA A 82 -16.55 -3.11 -5.92
CA ALA A 82 -16.50 -2.78 -4.51
C ALA A 82 -17.88 -2.40 -4.04
N SER A 83 -18.12 -2.57 -2.75
CA SER A 83 -19.40 -2.24 -2.17
C SER A 83 -19.81 -0.81 -2.52
N GLU A 84 -20.96 -0.66 -3.18
CA GLU A 84 -21.53 0.65 -3.48
C GLU A 84 -21.97 1.35 -2.21
N PHE A 85 -21.73 2.66 -2.16
CA PHE A 85 -22.17 3.48 -1.05
C PHE A 85 -23.47 4.18 -1.37
N THR A 86 -24.48 3.91 -0.56
CA THR A 86 -25.80 4.49 -0.75
C THR A 86 -26.29 5.31 0.43
N SER A 87 -25.54 5.27 1.53
CA SER A 87 -25.93 5.98 2.73
C SER A 87 -24.73 6.74 3.27
N PHE A 88 -24.90 8.04 3.49
CA PHE A 88 -23.78 8.87 3.89
C PHE A 88 -23.95 9.47 5.28
N ARG A 89 -22.97 9.24 6.15
CA ARG A 89 -23.08 9.62 7.54
C ARG A 89 -21.84 10.37 7.98
N HIS A 90 -21.53 11.42 7.25
CA HIS A 90 -20.32 12.20 7.47
C HIS A 90 -20.32 12.99 8.75
N ARG A 91 -19.14 13.30 9.18
CA ARG A 91 -18.90 14.28 10.25
C ARG A 91 -18.02 15.41 9.70
N LEU A 92 -18.62 16.33 8.98
CA LEU A 92 -17.84 17.33 8.32
C LEU A 92 -18.48 18.68 8.64
N GLY A 93 -19.39 18.66 9.62
CA GLY A 93 -19.96 19.92 10.12
C GLY A 93 -21.36 20.05 9.57
N PRO A 94 -22.10 21.07 10.04
CA PRO A 94 -23.53 21.25 9.64
C PRO A 94 -23.82 21.67 8.18
N THR A 95 -22.83 22.24 7.49
CA THR A 95 -23.01 22.62 6.10
C THR A 95 -22.75 21.51 5.08
N ALA A 96 -22.13 20.42 5.51
CA ALA A 96 -21.86 19.34 4.59
C ALA A 96 -23.13 18.72 4.05
N VAL A 97 -23.08 18.27 2.81
CA VAL A 97 -24.18 17.52 2.25
C VAL A 97 -23.92 16.01 2.29
N ASP A 98 -24.94 15.25 2.64
CA ASP A 98 -24.76 13.82 2.79
C ASP A 98 -24.87 13.12 1.45
N GLN A 99 -23.83 13.29 0.65
CA GLN A 99 -23.56 12.43 -0.47
C GLN A 99 -22.07 12.21 -0.59
N ALA A 100 -21.65 11.44 -1.58
CA ALA A 100 -20.28 10.99 -1.65
C ALA A 100 -19.33 12.14 -1.85
N PHE A 101 -19.80 13.15 -2.56
CA PHE A 101 -19.10 14.41 -2.66
C PHE A 101 -19.83 15.48 -1.89
N PRO A 102 -19.36 15.76 -0.68
CA PRO A 102 -20.19 16.38 0.33
C PRO A 102 -19.96 17.86 0.38
N ILE A 103 -19.14 18.37 -0.53
CA ILE A 103 -18.91 19.78 -0.63
C ILE A 103 -20.17 20.53 -1.00
N PRO A 104 -20.49 21.57 -0.24
CA PRO A 104 -21.64 22.38 -0.58
C PRO A 104 -21.28 23.53 -1.52
N GLY A 105 -22.30 24.11 -2.14
CA GLY A 105 -22.13 25.17 -3.11
C GLY A 105 -21.41 26.38 -2.57
N SER A 106 -21.60 26.67 -1.30
CA SER A 106 -20.92 27.79 -0.68
C SER A 106 -19.41 27.62 -0.63
N GLU A 107 -18.92 26.41 -0.80
CA GLU A 107 -17.49 26.18 -0.84
C GLU A 107 -16.94 26.03 -2.25
N ALA A 108 -17.79 26.13 -3.24
CA ALA A 108 -17.44 25.78 -4.61
C ALA A 108 -16.28 26.58 -5.15
N VAL A 109 -16.29 27.88 -4.92
CA VAL A 109 -15.24 28.74 -5.39
C VAL A 109 -13.89 28.40 -4.77
N ALA A 110 -13.90 28.17 -3.47
CA ALA A 110 -12.70 27.75 -2.76
C ALA A 110 -12.13 26.44 -3.27
N VAL A 111 -13.00 25.50 -3.62
CA VAL A 111 -12.58 24.22 -4.15
C VAL A 111 -12.01 24.31 -5.56
N GLU A 112 -12.65 25.10 -6.41
CA GLU A 112 -12.10 25.50 -7.70
C GLU A 112 -10.66 25.96 -7.59
N ALA A 113 -10.41 26.91 -6.69
CA ALA A 113 -9.10 27.48 -6.55
C ALA A 113 -8.08 26.48 -6.03
N ALA A 114 -8.49 25.66 -5.06
CA ALA A 114 -7.61 24.65 -4.50
C ALA A 114 -7.32 23.56 -5.52
N THR A 115 -8.31 23.25 -6.34
CA THR A 115 -8.12 22.31 -7.40
C THR A 115 -7.01 22.74 -8.35
N TYR A 116 -6.98 24.00 -8.74
CA TYR A 116 -5.90 24.51 -9.56
C TYR A 116 -4.54 24.41 -8.89
N THR A 117 -4.46 24.84 -7.63
CA THR A 117 -3.21 24.77 -6.88
C THR A 117 -2.69 23.35 -6.70
N LEU A 118 -3.56 22.44 -6.29
CA LEU A 118 -3.16 21.07 -6.07
C LEU A 118 -2.62 20.43 -7.33
N LEU A 119 -3.28 20.68 -8.46
CA LEU A 119 -2.89 20.05 -9.70
C LEU A 119 -1.69 20.70 -10.35
N ARG A 120 -1.59 22.02 -10.23
CA ARG A 120 -0.37 22.71 -10.61
C ARG A 120 0.83 22.10 -9.93
N ASP A 121 0.73 21.93 -8.61
CA ASP A 121 1.80 21.39 -7.82
C ASP A 121 2.09 19.95 -8.20
N ALA A 122 1.05 19.17 -8.41
CA ALA A 122 1.21 17.79 -8.79
C ALA A 122 1.89 17.68 -10.15
N HIS A 123 1.59 18.62 -11.03
CA HIS A 123 2.12 18.63 -12.38
C HIS A 123 3.60 18.98 -12.45
N ARG A 124 4.18 19.38 -11.32
CA ARG A 124 5.62 19.53 -11.21
C ARG A 124 6.32 18.19 -11.21
N ILE A 125 5.60 17.14 -10.84
CA ILE A 125 6.19 15.83 -10.69
C ILE A 125 6.21 15.05 -11.99
N ASP A 126 7.41 14.76 -12.47
CA ASP A 126 7.60 13.79 -13.54
C ASP A 126 7.89 12.40 -12.98
N LEU A 127 7.01 11.45 -13.28
CA LEU A 127 6.99 10.19 -12.58
C LEU A 127 8.19 9.28 -12.87
N GLU A 128 8.98 9.64 -13.86
CA GLU A 128 10.12 8.79 -14.20
C GLU A 128 11.42 9.19 -13.53
N LYS A 129 11.44 10.37 -12.93
CA LYS A 129 12.68 11.02 -12.57
C LYS A 129 13.10 10.74 -11.15
N GLY A 130 12.12 10.48 -10.29
CA GLY A 130 12.38 10.38 -8.88
C GLY A 130 12.17 11.68 -8.13
N LEU A 131 11.66 11.55 -6.93
CA LEU A 131 11.20 12.69 -6.17
C LEU A 131 12.34 13.53 -5.61
N GLU A 132 13.54 13.00 -5.70
CA GLU A 132 14.75 13.68 -5.25
C GLU A 132 15.46 14.47 -6.35
N ASN A 133 15.05 14.26 -7.60
CA ASN A 133 15.78 14.80 -8.74
C ASN A 133 15.06 15.90 -9.49
N GLN A 134 14.15 16.61 -8.83
CA GLN A 134 13.22 17.48 -9.54
C GLN A 134 13.01 18.83 -8.89
N ASP A 135 13.83 19.16 -7.90
CA ASP A 135 13.73 20.43 -7.22
C ASP A 135 12.41 20.61 -6.49
N LEU A 136 12.04 19.61 -5.68
CA LEU A 136 10.70 19.53 -5.13
C LEU A 136 10.72 19.64 -3.61
N GLU A 137 11.88 19.96 -3.04
CA GLU A 137 12.04 20.07 -1.59
C GLU A 137 11.02 21.00 -0.97
N ASP A 138 10.63 22.05 -1.68
CA ASP A 138 9.70 23.01 -1.15
C ASP A 138 8.33 22.40 -0.85
N LEU A 139 8.01 21.30 -1.51
CA LEU A 139 6.76 20.60 -1.26
C LEU A 139 6.86 19.52 -0.19
N ASP A 140 8.08 19.11 0.11
CA ASP A 140 8.31 18.04 1.08
C ASP A 140 8.25 18.60 2.49
N ILE A 141 7.04 18.93 2.93
CA ILE A 141 6.85 19.60 4.22
C ILE A 141 5.63 18.95 4.82
N PRO A 142 5.36 19.13 6.13
CA PRO A 142 4.21 18.41 6.66
C PRO A 142 2.91 18.81 5.90
N LEU A 143 2.03 17.81 5.71
CA LEU A 143 0.77 18.00 4.99
C LEU A 143 -0.08 19.07 5.66
N ASN A 144 -0.11 19.10 7.00
CA ASN A 144 -0.96 20.11 7.65
C ASN A 144 -0.58 21.57 7.37
N GLU A 145 0.69 21.83 7.09
CA GLU A 145 1.10 23.18 6.72
C GLU A 145 0.83 23.46 5.30
N TYR A 146 1.05 22.46 4.46
CA TYR A 146 0.64 22.63 3.06
C TYR A 146 -0.89 22.96 3.00
N VAL A 147 -1.68 22.21 3.74
CA VAL A 147 -3.14 22.37 3.66
C VAL A 147 -3.56 23.69 4.30
N ASP A 148 -2.94 24.08 5.41
CA ASP A 148 -3.14 25.39 6.01
C ASP A 148 -2.91 26.49 5.03
N LYS A 149 -1.90 26.40 4.17
CA LYS A 149 -1.74 27.45 3.13
C LYS A 149 -2.81 27.47 2.04
N LEU A 150 -3.47 26.33 1.71
CA LEU A 150 -4.58 26.36 0.80
C LEU A 150 -5.71 27.17 1.42
N ASP A 151 -5.71 27.25 2.76
CA ASP A 151 -6.78 27.93 3.50
C ASP A 151 -8.21 27.57 3.02
N LEU A 152 -8.57 26.29 3.08
CA LEU A 152 -9.89 25.83 2.66
C LEU A 152 -10.94 26.06 3.70
N PRO A 153 -12.19 26.27 3.29
CA PRO A 153 -13.26 26.38 4.26
C PRO A 153 -13.54 24.96 4.83
N PRO A 154 -14.40 24.84 5.82
CA PRO A 154 -14.34 23.71 6.73
C PRO A 154 -14.63 22.32 6.12
N VAL A 155 -15.61 22.20 5.25
CA VAL A 155 -15.99 20.89 4.72
C VAL A 155 -14.94 20.28 3.80
N SER A 156 -14.52 21.05 2.81
CA SER A 156 -13.49 20.62 1.88
C SER A 156 -12.15 20.41 2.54
N ARG A 157 -11.82 21.28 3.49
CA ARG A 157 -10.64 21.10 4.31
C ARG A 157 -10.60 19.74 5.02
N GLN A 158 -11.62 19.45 5.80
CA GLN A 158 -11.68 18.20 6.54
C GLN A 158 -11.86 16.98 5.65
N PHE A 159 -12.53 17.14 4.52
CA PHE A 159 -12.73 16.08 3.56
C PHE A 159 -11.40 15.64 2.92
N LEU A 160 -10.66 16.63 2.44
CA LEU A 160 -9.29 16.43 1.99
C LEU A 160 -8.40 15.75 3.02
N LEU A 161 -8.37 16.25 4.24
CA LEU A 161 -7.51 15.71 5.27
C LEU A 161 -7.87 14.29 5.67
N ALA A 162 -9.16 14.01 5.77
CA ALA A 162 -9.63 12.68 6.11
C ALA A 162 -9.21 11.63 5.11
N TRP A 163 -9.42 11.90 3.84
CA TRP A 163 -8.99 10.99 2.80
C TRP A 163 -7.47 10.83 2.72
N ALA A 164 -6.75 11.92 2.97
CA ALA A 164 -5.30 11.90 3.00
C ALA A 164 -4.77 11.03 4.13
N TRP A 165 -5.46 11.07 5.27
CA TRP A 165 -5.15 10.24 6.41
C TRP A 165 -5.38 8.77 6.09
N ASN A 166 -6.54 8.45 5.55
CA ASN A 166 -6.83 7.15 4.98
C ASN A 166 -5.72 6.64 4.06
N MET A 167 -5.35 7.44 3.07
CA MET A 167 -4.60 6.96 1.93
C MET A 167 -3.11 6.85 2.22
N LEU A 168 -2.59 7.75 3.04
CA LEU A 168 -1.17 7.76 3.33
C LEU A 168 -0.84 6.88 4.53
N GLY A 169 -1.87 6.58 5.31
CA GLY A 169 -1.69 6.00 6.63
C GLY A 169 -0.80 6.82 7.55
N GLN A 170 -0.93 8.14 7.48
CA GLN A 170 -0.30 9.03 8.43
C GLN A 170 -1.20 10.19 8.79
N PRO A 171 -1.12 10.62 10.05
CA PRO A 171 -1.72 11.89 10.44
C PRO A 171 -1.06 13.06 9.73
N ALA A 172 -1.77 14.17 9.63
CA ALA A 172 -1.45 15.24 8.72
C ALA A 172 -0.12 15.88 9.08
N ASP A 173 0.22 15.86 10.35
CA ASP A 173 1.43 16.48 10.85
C ASP A 173 2.66 15.64 10.56
N GLN A 174 2.45 14.39 10.18
CA GLN A 174 3.59 13.52 9.79
C GLN A 174 3.66 13.12 8.31
N ALA A 175 2.54 13.27 7.56
CA ALA A 175 2.53 13.01 6.12
C ALA A 175 3.34 14.06 5.38
N SER A 176 3.96 13.72 4.25
CA SER A 176 4.56 14.78 3.44
C SER A 176 3.56 15.26 2.35
N ALA A 177 3.45 16.58 2.17
CA ALA A 177 2.60 17.14 1.12
C ALA A 177 3.11 16.66 -0.22
N LEU A 178 4.42 16.54 -0.35
CA LEU A 178 4.97 16.02 -1.61
C LEU A 178 4.48 14.60 -2.00
N TRP A 179 4.34 13.73 -1.03
CA TRP A 179 3.94 12.38 -1.26
C TRP A 179 2.46 12.35 -1.62
N MET A 180 1.68 13.21 -0.96
CA MET A 180 0.27 13.33 -1.36
CA MET A 180 0.27 13.41 -1.36
C MET A 180 0.16 13.73 -2.85
N LEU A 181 0.96 14.71 -3.26
CA LEU A 181 0.98 15.16 -4.67
C LEU A 181 1.48 14.08 -5.60
N GLN A 182 2.40 13.22 -5.07
CA GLN A 182 2.86 12.06 -5.83
C GLN A 182 1.70 11.09 -6.13
N LEU A 183 0.88 10.76 -5.12
CA LEU A 183 -0.33 9.97 -5.34
C LEU A 183 -1.29 10.59 -6.36
N VAL A 184 -1.48 11.89 -6.27
CA VAL A 184 -2.29 12.59 -7.23
C VAL A 184 -1.69 12.40 -8.65
N ALA A 185 -0.39 12.65 -8.79
CA ALA A 185 0.29 12.40 -10.05
C ALA A 185 0.11 10.98 -10.56
N ALA A 186 0.26 10.00 -9.69
CA ALA A 186 0.17 8.61 -10.08
C ALA A 186 -1.18 8.24 -10.66
N HIS A 187 -2.22 8.94 -10.23
CA HIS A 187 -3.56 8.69 -10.71
C HIS A 187 -3.92 9.58 -11.87
N HIS A 188 -2.99 9.75 -12.80
CA HIS A 188 -3.20 10.56 -13.97
C HIS A 188 -3.47 12.01 -13.59
N TYR A 189 -2.74 12.51 -12.60
CA TYR A 189 -2.89 13.88 -12.16
C TYR A 189 -4.35 14.18 -11.74
N SER A 190 -4.88 13.34 -10.87
CA SER A 190 -6.25 13.47 -10.42
C SER A 190 -6.32 13.31 -8.92
N ILE A 191 -6.86 14.32 -8.24
CA ILE A 191 -7.23 14.21 -6.83
C ILE A 191 -8.38 13.23 -6.65
N LEU A 192 -9.42 13.43 -7.43
CA LEU A 192 -10.59 12.59 -7.37
C LEU A 192 -10.22 11.12 -7.53
N GLY A 193 -9.35 10.85 -8.48
CA GLY A 193 -9.04 9.50 -8.86
C GLY A 193 -8.34 8.69 -7.79
N VAL A 194 -7.65 9.38 -6.89
CA VAL A 194 -7.12 8.73 -5.71
C VAL A 194 -8.16 7.92 -4.95
N VAL A 195 -9.37 8.47 -4.84
CA VAL A 195 -10.44 7.79 -4.15
C VAL A 195 -11.26 6.89 -5.07
N LEU A 196 -11.45 7.33 -6.30
CA LEU A 196 -12.22 6.57 -7.26
C LEU A 196 -11.57 5.24 -7.67
N SER A 197 -10.31 5.08 -7.34
CA SER A 197 -9.61 3.88 -7.72
C SER A 197 -9.91 2.73 -6.77
N LEU A 198 -10.69 3.01 -5.74
CA LEU A 198 -11.35 1.97 -4.96
C LEU A 198 -12.50 1.36 -5.71
N ASP A 199 -12.20 0.69 -6.80
CA ASP A 199 -13.19 0.45 -7.82
C ASP A 199 -13.64 -1.00 -7.88
N GLU A 200 -12.70 -1.92 -7.72
CA GLU A 200 -13.04 -3.37 -7.75
C GLU A 200 -12.27 -4.18 -6.75
N VAL A 201 -12.83 -5.32 -6.46
CA VAL A 201 -12.19 -6.29 -5.63
C VAL A 201 -12.14 -7.63 -6.37
N PHE A 202 -11.27 -8.50 -5.85
CA PHE A 202 -11.17 -9.91 -6.19
C PHE A 202 -12.42 -10.61 -5.64
N SER A 203 -13.25 -11.19 -6.50
CA SER A 203 -14.37 -11.97 -6.02
C SER A 203 -14.03 -13.03 -4.99
N ASN A 204 -12.95 -13.78 -5.20
CA ASN A 204 -12.57 -14.82 -4.28
C ASN A 204 -11.32 -14.53 -3.46
N GLY A 205 -10.92 -13.26 -3.42
CA GLY A 205 -9.72 -12.89 -2.70
C GLY A 205 -8.45 -12.84 -3.52
N SER A 206 -7.43 -12.18 -3.00
CA SER A 206 -6.18 -12.01 -3.69
C SER A 206 -5.42 -13.33 -3.85
N ALA A 207 -5.78 -14.31 -3.04
CA ALA A 207 -5.09 -15.59 -3.06
C ALA A 207 -5.32 -16.31 -4.37
N ASP A 208 -6.48 -16.07 -4.97
CA ASP A 208 -6.73 -16.49 -6.33
C ASP A 208 -5.53 -16.23 -7.24
N LEU A 209 -5.05 -15.00 -7.24
CA LEU A 209 -4.06 -14.60 -8.17
C LEU A 209 -2.68 -15.06 -7.68
N VAL A 210 -2.47 -15.00 -6.38
CA VAL A 210 -1.25 -15.52 -5.79
C VAL A 210 -1.04 -16.96 -6.20
N ASP A 211 -2.08 -17.77 -6.08
CA ASP A 211 -1.98 -19.18 -6.39
C ASP A 211 -1.74 -19.44 -7.87
N ALA A 212 -2.45 -18.71 -8.72
CA ALA A 212 -2.26 -18.81 -10.16
C ALA A 212 -0.81 -18.54 -10.56
N MET A 213 -0.22 -17.50 -10.00
CA MET A 213 1.13 -17.15 -10.34
C MET A 213 2.14 -18.15 -9.81
N SER A 214 1.93 -18.60 -8.58
CA SER A 214 2.88 -19.50 -7.93
C SER A 214 2.93 -20.84 -8.63
N GLN A 215 1.83 -21.26 -9.21
CA GLN A 215 1.79 -22.53 -9.92
C GLN A 215 2.77 -22.56 -11.08
N GLU A 216 3.08 -21.39 -11.62
CA GLU A 216 4.07 -21.27 -12.67
C GLU A 216 5.52 -21.18 -12.18
N ILE A 217 5.71 -21.22 -10.87
CA ILE A 217 7.04 -21.16 -10.30
C ILE A 217 7.49 -22.47 -9.70
N PRO A 218 8.52 -23.07 -10.27
CA PRO A 218 8.83 -24.48 -10.04
C PRO A 218 9.58 -24.70 -8.74
N GLU A 219 10.38 -23.74 -8.31
CA GLU A 219 11.08 -23.87 -7.05
C GLU A 219 10.80 -22.75 -6.09
N ILE A 220 10.06 -23.07 -5.04
CA ILE A 220 9.78 -22.13 -3.97
C ILE A 220 10.14 -22.75 -2.63
N ARG A 221 10.81 -21.99 -1.76
CA ARG A 221 10.98 -22.45 -0.41
C ARG A 221 10.37 -21.44 0.59
N LEU A 222 9.34 -21.90 1.28
CA LEU A 222 8.75 -21.19 2.38
C LEU A 222 9.58 -21.30 3.64
N GLN A 223 9.21 -20.53 4.65
CA GLN A 223 9.89 -20.52 5.93
C GLN A 223 11.38 -20.38 5.81
N THR A 224 11.81 -19.63 4.80
CA THR A 224 13.21 -19.44 4.53
C THR A 224 13.54 -17.95 4.54
N VAL A 225 14.06 -17.49 5.67
CA VAL A 225 14.30 -16.07 5.89
C VAL A 225 15.72 -15.70 5.53
N VAL A 226 15.87 -14.83 4.55
CA VAL A 226 17.19 -14.35 4.18
C VAL A 226 17.80 -13.37 5.18
N THR A 227 19.05 -13.61 5.53
CA THR A 227 19.76 -12.82 6.53
C THR A 227 20.96 -12.11 5.93
N GLY A 228 21.38 -12.54 4.75
CA GLY A 228 22.62 -12.09 4.18
C GLY A 228 22.63 -12.18 2.67
N ILE A 229 23.08 -11.12 2.03
CA ILE A 229 23.33 -11.14 0.61
C ILE A 229 24.72 -10.61 0.25
N ASP A 230 25.56 -11.51 -0.22
CA ASP A 230 27.01 -11.23 -0.35
C ASP A 230 27.45 -11.43 -1.82
N GLN A 231 27.68 -10.29 -2.46
CA GLN A 231 28.10 -10.32 -3.83
C GLN A 231 29.64 -9.97 -3.93
N SER A 232 30.39 -10.17 -2.85
CA SER A 232 31.83 -9.99 -2.89
C SER A 232 32.57 -10.87 -3.90
N GLY A 233 32.08 -12.09 -4.09
CA GLY A 233 32.64 -13.00 -5.08
C GLY A 233 32.04 -12.93 -6.47
N ASP A 234 32.45 -13.86 -7.31
CA ASP A 234 32.01 -13.91 -8.70
C ASP A 234 30.52 -14.20 -8.81
N VAL A 235 30.02 -14.98 -7.87
CA VAL A 235 28.63 -15.38 -7.80
C VAL A 235 28.05 -14.98 -6.44
N VAL A 236 26.83 -14.46 -6.45
CA VAL A 236 26.20 -13.98 -5.22
C VAL A 236 25.87 -15.11 -4.25
N ASN A 237 26.19 -14.89 -2.99
CA ASN A 237 25.90 -15.85 -1.94
C ASN A 237 24.83 -15.36 -0.98
N VAL A 238 23.76 -16.13 -0.87
CA VAL A 238 22.60 -15.75 -0.10
C VAL A 238 22.45 -16.63 1.13
N THR A 239 22.67 -16.03 2.29
CA THR A 239 22.63 -16.73 3.55
C THR A 239 21.24 -16.62 4.17
N VAL A 240 20.94 -17.56 5.05
CA VAL A 240 19.58 -17.90 5.40
C VAL A 240 19.55 -18.34 6.86
N LYS A 241 18.43 -18.16 7.53
CA LYS A 241 18.44 -18.15 8.98
C LYS A 241 18.90 -19.49 9.55
N ASP A 242 18.23 -20.56 9.18
CA ASP A 242 18.53 -21.89 9.67
C ASP A 242 18.69 -22.84 8.50
N GLY A 243 19.81 -22.75 7.81
CA GLY A 243 19.94 -23.42 6.53
C GLY A 243 21.24 -23.18 5.79
N HIS A 244 21.47 -24.00 4.79
CA HIS A 244 22.59 -23.80 3.89
C HIS A 244 22.31 -22.64 2.97
N ALA A 245 23.36 -21.87 2.70
CA ALA A 245 23.34 -20.84 1.69
C ALA A 245 22.83 -21.30 0.34
N PHE A 246 22.41 -20.33 -0.47
CA PHE A 246 22.11 -20.53 -1.87
C PHE A 246 22.89 -19.53 -2.72
N GLN A 247 23.16 -19.88 -3.96
CA GLN A 247 23.99 -19.07 -4.82
C GLN A 247 23.31 -18.73 -6.15
N ALA A 248 23.57 -17.55 -6.68
CA ALA A 248 23.02 -17.13 -7.97
C ALA A 248 23.79 -16.01 -8.63
N HIS A 249 23.67 -15.91 -9.94
CA HIS A 249 24.28 -14.84 -10.69
C HIS A 249 23.67 -13.50 -10.30
N SER A 250 22.36 -13.50 -10.11
CA SER A 250 21.60 -12.30 -9.68
C SER A 250 20.69 -12.55 -8.54
N VAL A 251 20.47 -11.50 -7.77
CA VAL A 251 19.52 -11.61 -6.69
C VAL A 251 18.50 -10.42 -6.80
N ILE A 252 17.21 -10.74 -6.65
CA ILE A 252 16.15 -9.68 -6.61
C ILE A 252 15.60 -9.66 -5.20
N VAL A 253 15.83 -8.55 -4.51
CA VAL A 253 15.17 -8.24 -3.27
C VAL A 253 13.76 -7.74 -3.51
N ALA A 254 12.80 -8.60 -3.23
CA ALA A 254 11.39 -8.26 -3.34
C ALA A 254 10.74 -8.34 -1.97
N THR A 255 11.50 -7.95 -0.97
CA THR A 255 10.97 -7.77 0.36
C THR A 255 10.68 -6.32 0.64
N PRO A 256 9.94 -6.06 1.71
CA PRO A 256 9.53 -4.70 2.01
C PRO A 256 10.70 -3.86 2.47
N MET A 257 10.68 -2.60 2.09
CA MET A 257 11.77 -1.67 2.34
C MET A 257 12.21 -1.68 3.79
N ASN A 258 11.23 -1.72 4.68
CA ASN A 258 11.51 -1.62 6.10
C ASN A 258 12.10 -2.90 6.67
N THR A 259 12.23 -3.93 5.85
CA THR A 259 12.96 -5.13 6.24
C THR A 259 14.39 -5.21 5.77
N TRP A 260 14.77 -4.31 4.87
CA TRP A 260 16.08 -4.38 4.24
C TRP A 260 17.18 -4.23 5.27
N ARG A 261 16.92 -3.40 6.26
CA ARG A 261 17.85 -3.16 7.34
C ARG A 261 18.19 -4.38 8.19
N ARG A 262 17.37 -5.42 8.11
CA ARG A 262 17.68 -6.69 8.77
C ARG A 262 18.45 -7.70 7.92
N ILE A 263 18.85 -7.28 6.72
CA ILE A 263 19.74 -8.09 5.91
C ILE A 263 21.14 -7.49 5.89
N VAL A 264 22.16 -8.32 6.01
CA VAL A 264 23.57 -7.84 5.92
C VAL A 264 23.97 -7.88 4.43
N PHE A 265 24.15 -6.70 3.83
CA PHE A 265 24.57 -6.70 2.43
C PHE A 265 26.11 -6.58 2.44
N THR A 266 26.77 -7.33 1.53
CA THR A 266 28.26 -7.27 1.33
C THR A 266 28.50 -7.23 -0.13
N PRO A 267 29.18 -6.17 -0.60
CA PRO A 267 29.61 -5.02 0.18
C PRO A 267 28.34 -4.21 0.65
N ALA A 268 28.51 -3.24 1.53
CA ALA A 268 27.44 -2.40 2.05
C ALA A 268 26.74 -1.71 0.88
N LEU A 269 25.45 -1.43 1.04
CA LEU A 269 24.65 -0.72 -0.03
C LEU A 269 25.20 0.70 -0.25
N PRO A 270 25.00 1.29 -1.43
CA PRO A 270 25.56 2.67 -1.65
C PRO A 270 25.13 3.61 -0.55
N GLU A 271 26.04 4.48 -0.17
CA GLU A 271 25.88 5.14 1.11
C GLU A 271 24.71 6.17 1.16
N ARG A 272 24.36 6.77 0.02
CA ARG A 272 23.15 7.59 -0.10
C ARG A 272 21.85 6.89 0.38
N ARG A 273 21.79 5.57 0.23
CA ARG A 273 20.57 4.85 0.53
C ARG A 273 20.47 4.52 2.04
N ARG A 274 21.60 4.50 2.74
CA ARG A 274 21.65 3.75 3.99
C ARG A 274 20.84 4.35 5.09
N SER A 275 20.84 5.67 5.18
CA SER A 275 20.10 6.23 6.32
C SER A 275 18.54 6.10 6.18
N VAL A 276 18.03 6.20 4.96
CA VAL A 276 16.62 5.93 4.77
C VAL A 276 16.27 4.49 5.10
N ILE A 277 17.12 3.58 4.66
CA ILE A 277 16.97 2.17 4.94
C ILE A 277 16.98 1.84 6.44
N GLU A 278 17.94 2.42 7.16
CA GLU A 278 17.97 2.28 8.61
C GLU A 278 16.72 2.84 9.27
N GLU A 279 16.35 4.05 8.91
CA GLU A 279 15.18 4.65 9.52
C GLU A 279 13.85 4.04 9.12
N GLY A 280 13.75 3.56 7.89
CA GLY A 280 12.52 3.00 7.37
C GLY A 280 11.56 4.09 6.93
N HIS A 281 10.55 3.74 6.13
CA HIS A 281 9.56 4.81 5.75
C HIS A 281 8.63 5.04 6.92
N GLY A 282 7.80 6.07 6.81
CA GLY A 282 6.91 6.41 7.92
C GLY A 282 5.47 5.85 7.89
N GLY A 283 5.18 4.94 6.99
CA GLY A 283 3.80 4.48 6.84
C GLY A 283 3.31 3.77 8.08
N GLN A 284 2.10 4.17 8.53
CA GLN A 284 1.46 3.57 9.67
C GLN A 284 0.00 3.25 9.45
N GLY A 285 -0.35 2.99 8.20
CA GLY A 285 -1.69 2.66 7.82
C GLY A 285 -2.25 1.58 8.70
N LEU A 286 -3.45 1.79 9.20
CA LEU A 286 -4.10 0.80 10.02
C LEU A 286 -5.50 0.55 9.52
N LYS A 287 -5.72 -0.66 9.03
CA LYS A 287 -6.99 -1.06 8.50
C LYS A 287 -7.70 -2.02 9.44
N ILE A 288 -8.83 -1.59 9.98
CA ILE A 288 -9.59 -2.41 10.90
C ILE A 288 -10.89 -2.87 10.30
N LEU A 289 -11.07 -4.17 10.23
CA LEU A 289 -12.36 -4.76 9.98
C LEU A 289 -13.19 -4.85 11.24
N ILE A 290 -14.38 -4.26 11.19
CA ILE A 290 -15.22 -4.15 12.35
C ILE A 290 -16.54 -4.87 12.15
N HIS A 291 -16.74 -5.89 12.98
CA HIS A 291 -17.96 -6.67 13.00
C HIS A 291 -19.04 -5.95 13.80
N VAL A 292 -20.17 -5.70 13.16
CA VAL A 292 -21.19 -4.83 13.73
C VAL A 292 -22.59 -5.38 13.60
N ARG A 293 -23.43 -4.96 14.53
CA ARG A 293 -24.86 -5.10 14.39
C ARG A 293 -25.52 -3.73 14.33
N GLY A 294 -26.61 -3.64 13.59
CA GLY A 294 -27.43 -2.46 13.56
C GLY A 294 -27.06 -1.47 12.48
N ALA A 295 -26.06 -1.80 11.67
CA ALA A 295 -25.73 -1.02 10.51
C ALA A 295 -26.46 -1.54 9.29
N GLU A 296 -27.15 -0.64 8.62
CA GLU A 296 -27.70 -0.90 7.30
C GLU A 296 -26.60 -0.92 6.25
N ALA A 297 -26.90 -1.50 5.10
CA ALA A 297 -25.96 -1.63 4.02
C ALA A 297 -25.66 -0.29 3.37
N GLY A 298 -24.43 -0.16 2.88
CA GLY A 298 -24.09 0.89 1.94
C GLY A 298 -23.64 2.17 2.59
N ILE A 299 -23.25 2.11 3.85
CA ILE A 299 -22.82 3.28 4.58
C ILE A 299 -21.42 3.72 4.17
N GLU A 300 -21.28 5.00 3.89
CA GLU A 300 -19.99 5.68 3.94
C GLU A 300 -19.96 6.87 4.89
N CYS A 301 -18.91 6.91 5.70
CA CYS A 301 -18.67 7.99 6.64
C CYS A 301 -17.27 8.53 6.45
N VAL A 302 -17.18 9.81 6.15
CA VAL A 302 -15.93 10.53 6.16
C VAL A 302 -16.06 11.71 7.11
N GLY A 303 -15.01 12.00 7.86
CA GLY A 303 -15.06 13.09 8.79
C GLY A 303 -13.82 13.39 9.60
N ASP A 304 -14.04 14.07 10.71
CA ASP A 304 -12.96 14.52 11.57
C ASP A 304 -12.67 13.55 12.72
N GLY A 305 -13.20 12.35 12.64
CA GLY A 305 -13.00 11.35 13.67
C GLY A 305 -11.61 10.76 13.71
N ILE A 306 -11.29 10.12 14.84
CA ILE A 306 -10.11 9.28 14.94
C ILE A 306 -10.03 8.20 13.86
N PHE A 307 -11.18 7.74 13.40
CA PHE A 307 -11.33 7.13 12.08
C PHE A 307 -11.74 8.17 11.05
N PRO A 308 -10.82 8.61 10.21
CA PRO A 308 -11.19 9.53 9.13
C PRO A 308 -12.21 8.97 8.15
N THR A 309 -12.08 7.69 7.83
CA THR A 309 -13.06 6.98 7.05
C THR A 309 -13.63 5.77 7.78
N LEU A 310 -14.92 5.56 7.63
CA LEU A 310 -15.60 4.35 8.07
C LEU A 310 -16.69 3.98 7.10
N TYR A 311 -16.56 2.82 6.48
CA TYR A 311 -17.51 2.41 5.47
C TYR A 311 -17.77 0.92 5.32
N ASP A 312 -18.88 0.61 4.64
CA ASP A 312 -19.30 -0.76 4.38
C ASP A 312 -18.21 -1.62 3.74
N TYR A 313 -18.05 -2.82 4.28
CA TYR A 313 -17.13 -3.82 3.72
C TYR A 313 -17.90 -5.01 3.16
N CYS A 314 -18.53 -5.79 4.02
CA CYS A 314 -19.34 -6.90 3.57
C CYS A 314 -20.56 -7.24 4.43
N GLU A 315 -21.58 -7.77 3.79
CA GLU A 315 -22.68 -8.42 4.47
C GLU A 315 -22.23 -9.68 5.20
N VAL A 316 -22.55 -9.77 6.48
CA VAL A 316 -22.33 -11.00 7.21
C VAL A 316 -23.63 -11.75 7.37
N SER A 317 -24.68 -11.04 7.76
CA SER A 317 -26.00 -11.64 7.72
C SER A 317 -27.00 -10.55 7.48
N GLU A 318 -28.22 -10.76 7.90
CA GLU A 318 -29.24 -9.75 7.66
C GLU A 318 -29.22 -8.67 8.71
N SER A 319 -28.64 -8.98 9.86
CA SER A 319 -28.48 -8.02 10.92
C SER A 319 -27.02 -7.58 11.09
N GLU A 320 -26.09 -8.34 10.54
CA GLU A 320 -24.68 -8.18 10.85
C GLU A 320 -23.86 -7.83 9.62
N ARG A 321 -22.80 -7.07 9.81
CA ARG A 321 -21.95 -6.66 8.71
C ARG A 321 -20.51 -6.53 9.18
N LEU A 322 -19.60 -6.48 8.24
CA LEU A 322 -18.31 -5.86 8.49
C LEU A 322 -18.26 -4.46 7.89
N LEU A 323 -17.81 -3.52 8.69
CA LEU A 323 -17.33 -2.25 8.20
C LEU A 323 -15.82 -2.25 8.14
N VAL A 324 -15.26 -1.36 7.34
CA VAL A 324 -13.85 -1.07 7.42
C VAL A 324 -13.54 0.34 7.86
N ALA A 325 -12.59 0.47 8.77
CA ALA A 325 -12.08 1.76 9.18
C ALA A 325 -10.61 1.88 8.83
N PHE A 326 -10.22 3.06 8.41
CA PHE A 326 -8.81 3.38 8.32
C PHE A 326 -8.43 4.48 9.29
N THR A 327 -7.29 4.28 9.93
CA THR A 327 -6.63 5.30 10.72
C THR A 327 -5.13 5.04 10.61
N ASP A 328 -4.37 5.40 11.63
CA ASP A 328 -2.99 4.97 11.73
C ASP A 328 -2.65 4.40 13.09
N SER A 329 -1.58 3.62 13.13
CA SER A 329 -1.28 2.80 14.28
C SER A 329 -0.56 3.62 15.33
N GLY A 330 -0.02 4.75 14.93
CA GLY A 330 0.54 5.64 15.94
C GLY A 330 -0.62 6.40 16.65
N SER A 331 -1.83 6.52 16.09
CA SER A 331 -2.81 7.38 16.69
C SER A 331 -3.84 6.54 17.41
N PHE A 332 -3.94 5.26 17.09
CA PHE A 332 -5.09 4.52 17.56
C PHE A 332 -4.65 3.11 17.96
N ASP A 333 -5.13 2.61 19.08
CA ASP A 333 -4.94 1.22 19.49
C ASP A 333 -6.16 0.34 19.26
N PRO A 334 -6.04 -0.57 18.31
CA PRO A 334 -7.16 -1.39 17.85
C PRO A 334 -7.59 -2.45 18.86
N THR A 335 -6.73 -2.78 19.81
CA THR A 335 -7.07 -3.72 20.86
C THR A 335 -7.88 -3.12 22.00
N ASP A 336 -8.05 -1.80 21.97
CA ASP A 336 -8.93 -1.11 22.91
C ASP A 336 -10.32 -0.99 22.32
N ILE A 337 -11.16 -1.97 22.60
CA ILE A 337 -12.44 -2.11 21.93
C ILE A 337 -13.41 -1.02 22.34
N GLY A 338 -13.20 -0.48 23.53
CA GLY A 338 -13.95 0.67 23.97
C GLY A 338 -13.66 1.89 23.13
N ALA A 339 -12.40 2.12 22.84
CA ALA A 339 -11.99 3.11 21.85
C ALA A 339 -12.61 2.88 20.48
N VAL A 340 -12.60 1.65 20.02
CA VAL A 340 -13.24 1.33 18.76
C VAL A 340 -14.70 1.73 18.76
N LYS A 341 -15.38 1.45 19.86
CA LYS A 341 -16.80 1.75 19.99
C LYS A 341 -17.04 3.25 19.93
N ASP A 342 -16.22 4.00 20.65
CA ASP A 342 -16.30 5.44 20.60
C ASP A 342 -16.08 5.99 19.19
N ALA A 343 -15.10 5.45 18.48
CA ALA A 343 -14.80 5.88 17.11
C ALA A 343 -15.93 5.58 16.15
N VAL A 344 -16.52 4.40 16.26
CA VAL A 344 -17.67 4.03 15.46
C VAL A 344 -18.91 4.85 15.80
N LEU A 345 -19.22 4.96 17.09
CA LEU A 345 -20.43 5.63 17.54
C LEU A 345 -20.44 7.12 17.22
N TYR A 346 -19.25 7.72 17.19
CA TYR A 346 -19.11 9.06 16.65
C TYR A 346 -19.87 9.29 15.36
N TYR A 347 -19.67 8.40 14.39
CA TYR A 347 -20.37 8.48 13.11
C TYR A 347 -21.74 7.82 13.17
N LEU A 348 -21.82 6.70 13.88
CA LEU A 348 -22.96 5.80 13.80
C LEU A 348 -23.45 5.36 15.18
N PRO A 349 -24.28 6.19 15.79
CA PRO A 349 -24.62 6.04 17.20
C PRO A 349 -25.58 4.90 17.42
N GLU A 350 -26.17 4.38 16.35
CA GLU A 350 -27.09 3.27 16.40
C GLU A 350 -26.38 1.94 16.30
N VAL A 351 -25.06 1.96 16.11
CA VAL A 351 -24.33 0.76 15.75
C VAL A 351 -23.60 0.11 16.93
N GLU A 352 -23.87 -1.18 17.11
CA GLU A 352 -23.17 -2.00 18.10
C GLU A 352 -21.97 -2.75 17.52
N VAL A 353 -20.79 -2.44 18.04
CA VAL A 353 -19.60 -3.17 17.71
C VAL A 353 -19.58 -4.56 18.36
N LEU A 354 -19.46 -5.58 17.53
CA LEU A 354 -19.37 -6.95 17.99
C LEU A 354 -17.93 -7.44 18.14
N GLY A 355 -17.01 -6.85 17.38
CA GLY A 355 -15.69 -7.43 17.20
C GLY A 355 -14.84 -6.67 16.21
N ILE A 356 -13.53 -6.74 16.38
CA ILE A 356 -12.57 -6.22 15.41
C ILE A 356 -11.56 -7.27 14.93
N ASP A 357 -11.03 -7.03 13.73
CA ASP A 357 -10.03 -7.87 13.12
C ASP A 357 -9.07 -6.97 12.38
N TYR A 358 -7.79 -7.26 12.53
CA TYR A 358 -6.76 -6.56 11.79
C TYR A 358 -5.48 -7.38 11.81
N HIS A 359 -4.55 -7.04 10.95
CA HIS A 359 -3.21 -7.52 11.09
C HIS A 359 -2.25 -6.44 11.53
N ASP A 360 -1.47 -6.75 12.55
CA ASP A 360 -0.39 -5.84 12.98
C ASP A 360 0.86 -5.86 12.01
N TRP A 361 0.78 -5.12 10.90
CA TRP A 361 1.83 -5.13 9.90
C TRP A 361 3.13 -4.67 10.50
N ILE A 362 3.07 -3.68 11.38
CA ILE A 362 4.27 -3.09 12.00
C ILE A 362 5.01 -4.10 12.90
N ALA A 363 4.27 -4.91 13.64
CA ALA A 363 4.90 -5.85 14.53
C ALA A 363 5.37 -7.11 13.82
N ASP A 364 4.85 -7.35 12.63
CA ASP A 364 5.26 -8.48 11.81
C ASP A 364 6.68 -8.32 11.28
N PRO A 365 7.57 -9.22 11.69
CA PRO A 365 8.99 -9.08 11.43
C PRO A 365 9.33 -9.25 9.96
N LEU A 366 8.42 -9.83 9.21
CA LEU A 366 8.53 -9.93 7.77
C LEU A 366 8.00 -8.70 7.01
N PHE A 367 7.60 -7.67 7.74
CA PHE A 367 7.06 -6.47 7.11
C PHE A 367 7.53 -5.18 7.75
N GLU A 368 7.31 -5.07 9.06
CA GLU A 368 7.68 -3.88 9.80
C GLU A 368 7.03 -2.63 9.21
N GLY A 369 5.77 -2.75 8.83
CA GLY A 369 5.13 -1.76 7.99
C GLY A 369 3.95 -2.28 7.19
N PRO A 370 2.94 -1.43 7.06
CA PRO A 370 1.96 -1.55 5.99
C PRO A 370 2.53 -0.87 4.76
N TRP A 371 1.68 -0.46 3.83
CA TRP A 371 2.15 0.27 2.66
C TRP A 371 3.08 1.46 2.88
N VAL A 372 3.90 1.74 1.88
CA VAL A 372 4.86 2.83 1.96
C VAL A 372 4.23 4.21 2.08
N ALA A 373 4.74 4.99 3.01
CA ALA A 373 4.69 6.45 2.93
C ALA A 373 5.91 7.04 3.59
N PRO A 374 6.55 7.98 2.92
CA PRO A 374 7.80 8.54 3.43
C PRO A 374 7.56 9.40 4.65
N ARG A 375 8.54 9.44 5.53
CA ARG A 375 8.67 10.52 6.48
C ARG A 375 8.92 11.83 5.75
N VAL A 376 8.50 12.92 6.36
CA VAL A 376 8.82 14.24 5.86
C VAL A 376 10.32 14.42 5.67
N GLY A 377 10.69 14.86 4.48
CA GLY A 377 12.08 15.10 4.18
C GLY A 377 12.75 13.93 3.53
N GLN A 378 12.21 12.74 3.71
CA GLN A 378 12.88 11.55 3.15
C GLN A 378 13.00 11.48 1.64
N PHE A 379 11.90 11.51 0.86
CA PHE A 379 11.96 11.16 -0.58
C PHE A 379 12.46 12.29 -1.49
N SER A 380 12.48 13.51 -1.00
CA SER A 380 13.11 14.53 -1.85
C SER A 380 14.65 14.56 -1.60
N ARG A 381 15.18 13.75 -0.66
CA ARG A 381 16.64 13.46 -0.53
C ARG A 381 17.04 12.15 -1.25
N VAL A 382 16.27 11.08 -1.08
CA VAL A 382 16.52 9.86 -1.87
C VAL A 382 15.35 8.95 -2.12
N HIS A 383 15.01 8.72 -3.37
CA HIS A 383 13.85 7.96 -3.62
C HIS A 383 14.14 7.04 -4.81
N LYS A 384 14.45 7.63 -5.95
CA LYS A 384 14.67 6.86 -7.17
C LYS A 384 15.72 5.77 -6.96
N GLU A 385 16.77 6.10 -6.21
CA GLU A 385 17.93 5.24 -6.08
C GLU A 385 17.61 3.99 -5.26
N LEU A 386 16.65 4.13 -4.35
CA LEU A 386 16.24 3.03 -3.50
C LEU A 386 15.81 1.81 -4.32
N GLY A 387 15.33 2.07 -5.53
CA GLY A 387 14.79 1.02 -6.38
C GLY A 387 15.73 0.66 -7.52
N GLU A 388 16.96 1.15 -7.45
CA GLU A 388 17.97 0.88 -8.49
C GLU A 388 18.93 -0.23 -8.01
N PRO A 389 19.45 -1.03 -8.95
CA PRO A 389 20.41 -2.09 -8.61
C PRO A 389 21.58 -1.56 -7.81
N ALA A 390 22.09 -2.36 -6.88
CA ALA A 390 23.50 -2.31 -6.49
C ALA A 390 24.24 -3.54 -6.98
N GLY A 391 25.08 -3.36 -8.01
CA GLY A 391 25.70 -4.47 -8.70
C GLY A 391 24.67 -5.47 -9.22
N ARG A 392 24.77 -6.71 -8.74
CA ARG A 392 23.92 -7.79 -9.24
C ARG A 392 22.69 -7.97 -8.36
N ILE A 393 22.54 -7.08 -7.38
CA ILE A 393 21.37 -7.11 -6.50
C ILE A 393 20.32 -6.10 -6.94
N HIS A 394 19.12 -6.58 -7.26
CA HIS A 394 18.03 -5.72 -7.67
C HIS A 394 17.06 -5.47 -6.53
N PHE A 395 16.47 -4.27 -6.52
CA PHE A 395 15.46 -3.94 -5.53
C PHE A 395 14.13 -3.62 -6.19
N VAL A 396 13.10 -4.37 -5.81
CA VAL A 396 11.79 -4.21 -6.40
C VAL A 396 10.72 -4.13 -5.31
N GLY A 397 9.48 -3.88 -5.72
CA GLY A 397 8.38 -3.83 -4.80
C GLY A 397 7.56 -2.56 -4.88
N SER A 398 6.31 -2.62 -4.45
CA SER A 398 5.49 -1.44 -4.27
C SER A 398 6.21 -0.29 -3.59
N ASP A 399 6.93 -0.60 -2.52
CA ASP A 399 7.58 0.41 -1.72
C ASP A 399 8.45 1.34 -2.56
N VAL A 400 9.03 0.82 -3.64
CA VAL A 400 9.96 1.57 -4.45
C VAL A 400 9.50 1.92 -5.86
N SER A 401 8.25 1.64 -6.17
CA SER A 401 7.69 2.05 -7.44
C SER A 401 7.66 3.57 -7.56
N LEU A 402 8.15 4.10 -8.66
CA LEU A 402 7.97 5.51 -8.96
C LEU A 402 6.60 5.80 -9.56
N GLU A 403 5.99 4.77 -10.11
CA GLU A 403 4.83 4.93 -10.97
C GLU A 403 3.55 4.68 -10.18
N PHE A 404 3.58 3.70 -9.30
CA PHE A 404 2.43 3.38 -8.49
C PHE A 404 2.71 2.81 -7.11
N PRO A 405 3.38 3.58 -6.29
CA PRO A 405 3.79 3.14 -4.95
C PRO A 405 2.61 2.93 -4.03
N GLY A 406 2.65 1.87 -3.23
CA GLY A 406 1.67 1.69 -2.22
C GLY A 406 0.56 0.82 -2.81
N TYR A 407 0.65 0.46 -4.08
CA TYR A 407 -0.35 -0.36 -4.73
C TYR A 407 0.24 -1.61 -5.37
N ILE A 408 -0.60 -2.60 -5.63
CA ILE A 408 -0.18 -3.84 -6.23
C ILE A 408 0.42 -3.60 -7.60
N GLU A 409 -0.12 -2.62 -8.31
CA GLU A 409 0.37 -2.30 -9.64
C GLU A 409 1.85 -1.94 -9.64
N GLY A 410 2.29 -1.33 -8.56
CA GLY A 410 3.66 -0.91 -8.42
C GLY A 410 4.60 -2.07 -8.16
N ALA A 411 4.13 -3.05 -7.41
CA ALA A 411 4.81 -4.33 -7.31
C ALA A 411 5.07 -4.96 -8.67
N LEU A 412 4.06 -4.97 -9.52
CA LEU A 412 4.17 -5.56 -10.85
C LEU A 412 5.07 -4.74 -11.74
N GLU A 413 5.04 -3.43 -11.57
CA GLU A 413 5.79 -2.52 -12.40
C GLU A 413 7.28 -2.64 -12.15
N THR A 414 7.65 -2.65 -10.87
CA THR A 414 9.02 -2.80 -10.46
C THR A 414 9.62 -4.15 -10.87
N ALA A 415 8.83 -5.21 -10.80
CA ALA A 415 9.26 -6.52 -11.22
C ALA A 415 9.55 -6.61 -12.71
N GLU A 416 8.58 -6.19 -13.51
CA GLU A 416 8.78 -6.03 -14.94
C GLU A 416 10.10 -5.38 -15.28
N CYS A 417 10.45 -4.31 -14.59
CA CYS A 417 11.67 -3.58 -14.87
C CYS A 417 12.93 -4.35 -14.51
N ALA A 418 12.94 -5.02 -13.37
CA ALA A 418 14.05 -5.87 -12.97
C ALA A 418 14.23 -7.06 -13.89
N VAL A 419 13.12 -7.67 -14.27
CA VAL A 419 13.15 -8.79 -15.20
C VAL A 419 13.83 -8.39 -16.51
N ASN A 420 13.39 -7.28 -17.09
CA ASN A 420 13.92 -6.81 -18.36
C ASN A 420 15.40 -6.48 -18.27
N ALA A 421 15.79 -5.90 -17.16
CA ALA A 421 17.18 -5.55 -16.93
C ALA A 421 18.05 -6.79 -16.89
N ILE A 422 17.55 -7.85 -16.27
CA ILE A 422 18.29 -9.08 -16.14
C ILE A 422 18.42 -9.79 -17.49
N LEU A 423 17.36 -9.76 -18.26
CA LEU A 423 17.30 -10.47 -19.52
C LEU A 423 18.24 -9.85 -20.54
N HIS A 424 18.52 -8.57 -20.37
CA HIS A 424 19.63 -7.93 -21.07
C HIS A 424 21.00 -8.10 -20.43
N SER A 425 21.14 -7.83 -19.13
CA SER A 425 22.42 -8.10 -18.54
C SER A 425 22.60 -9.58 -18.61
#